data_4EHC
#
_entry.id   4EHC
#
_cell.length_a   61.110
_cell.length_b   66.160
_cell.length_c   69.620
_cell.angle_alpha   90.00
_cell.angle_beta   90.00
_cell.angle_gamma   90.00
#
_symmetry.space_group_name_H-M   'P 21 21 21'
#
loop_
_entity.id
_entity.type
_entity.pdbx_description
1 polymer 'PE-PGRS FAMILY PROTEIN'
2 non-polymer 'ZINC ION'
3 non-polymer 1,2-ETHANEDIOL
4 water water
#
_entity_poly.entity_id   1
_entity_poly.type   'polypeptide(L)'
_entity_poly.pdbx_seq_one_letter_code
;(MSE)GSSHHHHHHSSGLVPRGSH(MSE)ASSTTLTNATVPLQLVNTTEPVVFISLNGGQ(MSE)VPVLLDTGSTGLV
(MSE)DSQFLTQNFGPVIGTGTAGYAGGLTYNYNTYSTTVDFGNGLLTLPTSVNVVTSSSPGTLGNFLSRSGAVGVLGIG
PNNGFPGTSSIVTA(MSE)PGLLNNGVLIDESAGILQFGPNTLTGGITISGAPISTVAVQIDNGPLQQAPV(MSE)FDSG
GINGTIPSALASLPSGGFVPAGTTISVYTSDGQTLLYSYTTTATNTPFVTSGGV(MSE)NTGHVPFAQQPIYVSYSPTAI
GTTTFN
;
_entity_poly.pdbx_strand_id   A
#
loop_
_chem_comp.id
_chem_comp.type
_chem_comp.name
_chem_comp.formula
EDO non-polymer 1,2-ETHANEDIOL 'C2 H6 O2'
ZN non-polymer 'ZINC ION' 'Zn 2'
#
# COMPACT_ATOMS: atom_id res chain seq x y z
N GLY A 2 -4.93 2.33 14.97
CA GLY A 2 -3.96 2.92 13.98
C GLY A 2 -4.38 2.55 12.57
N SER A 3 -3.58 2.90 11.57
CA SER A 3 -3.96 2.55 10.19
C SER A 3 -4.32 1.08 9.98
N SER A 4 -3.60 0.18 10.60
CA SER A 4 -3.79 -1.27 10.31
C SER A 4 -5.20 -1.74 10.70
N HIS A 5 -5.79 -1.10 11.71
CA HIS A 5 -7.16 -1.38 12.09
C HIS A 5 -8.23 -1.03 11.06
N HIS A 6 -7.90 -0.18 10.12
CA HIS A 6 -8.87 0.35 9.14
C HIS A 6 -8.48 -0.05 7.71
N HIS A 7 -7.58 -1.02 7.61
CA HIS A 7 -6.99 -1.42 6.32
C HIS A 7 -7.69 -2.66 5.74
N HIS A 8 -8.50 -2.45 4.72
CA HIS A 8 -9.30 -3.52 4.07
C HIS A 8 -9.12 -3.56 2.57
N HIS A 9 -8.91 -4.76 2.03
CA HIS A 9 -8.91 -4.98 0.60
C HIS A 9 -10.24 -5.64 0.23
N HIS A 10 -11.15 -4.87 -0.36
CA HIS A 10 -12.40 -5.42 -0.74
C HIS A 10 -12.31 -5.99 -2.16
N SER A 11 -12.48 -7.30 -2.24
CA SER A 11 -12.55 -7.97 -3.53
C SER A 11 -13.91 -7.70 -4.23
N SER A 12 -13.86 -7.28 -5.49
CA SER A 12 -15.08 -7.05 -6.30
C SER A 12 -15.71 -8.31 -6.94
N GLY A 13 -14.89 -9.32 -7.23
CA GLY A 13 -15.30 -10.53 -7.97
C GLY A 13 -16.46 -11.36 -7.42
N THR A 26 26.67 6.10 -2.42
CA THR A 26 26.64 7.40 -3.09
C THR A 26 25.50 7.54 -4.14
N LEU A 27 24.68 6.50 -4.28
CA LEU A 27 23.44 6.61 -5.01
C LEU A 27 22.43 7.45 -4.26
N THR A 28 21.83 8.41 -4.94
CA THR A 28 20.69 9.09 -4.33
C THR A 28 19.35 8.50 -4.79
N ASN A 29 19.26 8.07 -6.05
CA ASN A 29 18.00 7.45 -6.56
C ASN A 29 18.29 6.21 -7.35
N ALA A 30 17.30 5.30 -7.39
CA ALA A 30 17.43 4.08 -8.19
C ALA A 30 16.06 3.55 -8.53
N THR A 31 15.89 3.08 -9.77
CA THR A 31 14.58 2.61 -10.22
C THR A 31 14.61 1.12 -10.51
N VAL A 32 13.46 0.46 -10.30
CA VAL A 32 13.32 -0.95 -10.59
C VAL A 32 11.98 -1.09 -11.29
N PRO A 33 11.79 -2.18 -12.03
CA PRO A 33 10.50 -2.40 -12.66
C PRO A 33 9.38 -2.64 -11.64
N LEU A 34 8.22 -2.10 -11.97
CA LEU A 34 6.98 -2.36 -11.20
C LEU A 34 6.01 -2.97 -12.18
N GLN A 35 5.55 -4.20 -11.92
CA GLN A 35 4.66 -4.92 -12.81
C GLN A 35 3.21 -4.78 -12.35
N LEU A 36 2.31 -4.28 -13.22
CA LEU A 36 0.90 -4.30 -12.85
C LEU A 36 0.28 -5.58 -13.31
N VAL A 37 -0.32 -6.29 -12.38
CA VAL A 37 -0.93 -7.56 -12.64
C VAL A 37 -2.44 -7.36 -12.44
N ASN A 38 -3.25 -7.84 -13.40
CA ASN A 38 -4.71 -7.73 -13.33
C ASN A 38 -5.20 -6.28 -13.10
N THR A 39 -4.49 -5.34 -13.75
CA THR A 39 -4.79 -3.91 -13.79
C THR A 39 -4.43 -3.20 -12.50
N THR A 40 -4.83 -3.77 -11.37
CA THR A 40 -4.80 -3.07 -10.08
C THR A 40 -3.64 -3.40 -9.15
N GLU A 41 -2.94 -4.52 -9.39
CA GLU A 41 -1.99 -5.03 -8.40
C GLU A 41 -0.55 -4.65 -8.77
N PRO A 42 0.08 -3.79 -7.95
CA PRO A 42 1.43 -3.47 -8.28
C PRO A 42 2.41 -4.47 -7.63
N VAL A 43 3.26 -5.08 -8.46
CA VAL A 43 4.10 -6.20 -8.01
C VAL A 43 5.55 -5.81 -8.29
N VAL A 44 6.43 -6.02 -7.32
CA VAL A 44 7.87 -5.90 -7.53
C VAL A 44 8.57 -7.19 -7.13
N PHE A 45 9.80 -7.35 -7.59
CA PHE A 45 10.52 -8.59 -7.31
C PHE A 45 11.64 -8.28 -6.34
N ILE A 46 11.78 -9.17 -5.36
CA ILE A 46 12.81 -9.04 -4.36
C ILE A 46 13.49 -10.39 -4.14
N SER A 47 14.74 -10.35 -3.65
CA SER A 47 15.48 -11.51 -3.23
C SER A 47 15.73 -11.38 -1.72
N LEU A 48 15.33 -12.40 -0.94
CA LEU A 48 15.54 -12.40 0.48
C LEU A 48 16.74 -13.26 0.81
N ASN A 49 17.73 -12.68 1.48
CA ASN A 49 19.00 -13.36 1.82
C ASN A 49 19.64 -14.03 0.62
N GLY A 50 19.71 -13.33 -0.52
CA GLY A 50 20.30 -13.88 -1.73
C GLY A 50 19.51 -14.96 -2.45
N GLY A 51 18.29 -15.25 -1.99
CA GLY A 51 17.41 -16.21 -2.67
C GLY A 51 16.88 -15.82 -4.05
N GLN A 52 16.08 -16.70 -4.63
CA GLN A 52 15.47 -16.49 -5.94
C GLN A 52 14.57 -15.23 -5.92
N MSE A 53 14.52 -14.47 -7.00
CA MSE A 53 13.61 -13.32 -7.09
C MSE A 53 12.17 -13.78 -7.00
O MSE A 53 11.78 -14.71 -7.72
CB MSE A 53 13.84 -12.58 -8.40
CG MSE A 53 15.14 -11.74 -8.46
SE MSE A 53 15.14 -10.25 -7.15
CE MSE A 53 14.75 -8.77 -8.33
N VAL A 54 11.37 -13.16 -6.12
CA VAL A 54 9.99 -13.57 -5.89
C VAL A 54 9.06 -12.36 -5.92
N PRO A 55 7.82 -12.54 -6.39
CA PRO A 55 6.95 -11.34 -6.52
C PRO A 55 6.35 -10.97 -5.15
N VAL A 56 6.37 -9.68 -4.82
CA VAL A 56 5.62 -9.18 -3.68
C VAL A 56 4.64 -8.02 -4.06
N LEU A 57 3.55 -7.92 -3.31
CA LEU A 57 2.53 -6.89 -3.58
C LEU A 57 2.94 -5.58 -2.86
N LEU A 58 3.08 -4.49 -3.64
CA LEU A 58 3.36 -3.18 -3.10
C LEU A 58 2.07 -2.61 -2.46
N ASP A 59 2.08 -2.46 -1.13
CA ASP A 59 0.87 -2.16 -0.37
C ASP A 59 1.19 -0.91 0.50
N THR A 60 0.75 0.27 0.05
CA THR A 60 0.92 1.49 0.81
C THR A 60 0.03 1.51 2.05
N GLY A 61 -0.93 0.60 2.13
CA GLY A 61 -1.89 0.59 3.22
C GLY A 61 -1.37 -0.12 4.44
N SER A 62 -0.25 -0.84 4.33
CA SER A 62 0.33 -1.52 5.50
C SER A 62 1.82 -1.24 5.61
N THR A 63 2.40 -1.62 6.75
CA THR A 63 3.82 -1.40 7.01
C THR A 63 4.36 -2.74 7.49
N GLY A 64 5.32 -3.28 6.77
CA GLY A 64 5.87 -4.56 7.15
C GLY A 64 5.95 -5.47 5.93
N LEU A 65 7.00 -6.31 5.91
CA LEU A 65 7.17 -7.28 4.84
C LEU A 65 6.78 -8.62 5.45
N VAL A 66 5.74 -9.20 4.86
CA VAL A 66 5.16 -10.46 5.34
C VAL A 66 5.15 -11.46 4.21
N MSE A 67 5.83 -12.60 4.39
CA MSE A 67 5.95 -13.61 3.31
C MSE A 67 5.08 -14.83 3.57
O MSE A 67 4.86 -15.21 4.73
CB MSE A 67 7.41 -14.09 3.17
CG MSE A 67 8.42 -12.99 3.03
SE MSE A 67 8.08 -11.69 1.60
CE MSE A 67 8.26 -12.99 0.14
N ASP A 68 4.62 -15.46 2.50
CA ASP A 68 3.84 -16.68 2.55
C ASP A 68 4.65 -17.75 3.31
N SER A 69 3.93 -18.74 3.86
CA SER A 69 4.54 -19.80 4.67
C SER A 69 5.56 -20.66 3.89
N GLN A 70 5.48 -20.67 2.55
CA GLN A 70 6.53 -21.34 1.75
C GLN A 70 7.92 -20.88 2.09
N PHE A 71 8.03 -19.62 2.53
CA PHE A 71 9.33 -19.04 2.92
C PHE A 71 9.94 -19.66 4.21
N LEU A 72 9.19 -20.51 4.91
CA LEU A 72 9.73 -21.28 6.04
C LEU A 72 10.84 -22.26 5.57
N THR A 73 10.83 -22.66 4.28
CA THR A 73 11.88 -23.51 3.69
C THR A 73 13.16 -22.76 3.40
N GLN A 74 13.12 -21.42 3.51
CA GLN A 74 14.24 -20.58 3.09
C GLN A 74 15.10 -20.29 4.29
N ASN A 75 16.37 -19.97 4.08
CA ASN A 75 17.25 -19.73 5.21
C ASN A 75 17.32 -18.22 5.51
N PHE A 76 16.56 -17.80 6.53
CA PHE A 76 16.52 -16.40 6.99
C PHE A 76 17.21 -16.27 8.34
N GLY A 77 17.90 -17.33 8.74
CA GLY A 77 18.58 -17.32 10.02
C GLY A 77 17.61 -17.64 11.15
N PRO A 78 18.01 -17.34 12.38
CA PRO A 78 17.16 -17.75 13.51
C PRO A 78 15.88 -16.91 13.63
N VAL A 79 14.82 -17.51 14.16
CA VAL A 79 13.64 -16.79 14.57
C VAL A 79 14.02 -15.79 15.67
N ILE A 80 13.73 -14.52 15.47
CA ILE A 80 14.00 -13.50 16.48
C ILE A 80 12.74 -13.02 17.22
N GLY A 81 11.57 -13.51 16.82
CA GLY A 81 10.32 -13.02 17.36
C GLY A 81 9.14 -13.79 16.79
N THR A 82 7.99 -13.68 17.47
CA THR A 82 6.82 -14.45 17.11
C THR A 82 5.60 -13.54 17.34
N GLY A 83 4.49 -13.80 16.66
CA GLY A 83 3.28 -13.01 16.84
C GLY A 83 2.04 -13.48 16.09
N THR A 84 0.95 -12.72 16.23
CA THR A 84 -0.28 -12.95 15.48
C THR A 84 -0.76 -11.61 14.97
N ALA A 85 -1.33 -11.59 13.76
CA ALA A 85 -1.80 -10.35 13.15
C ALA A 85 -2.85 -10.65 12.13
N GLY A 86 -3.41 -9.58 11.58
CA GLY A 86 -4.43 -9.69 10.55
C GLY A 86 -3.89 -8.97 9.35
N TYR A 87 -4.32 -9.35 8.16
CA TYR A 87 -3.95 -8.61 6.96
C TYR A 87 -5.18 -8.23 6.13
N ALA A 88 -5.31 -6.92 5.88
CA ALA A 88 -6.24 -6.37 4.91
C ALA A 88 -7.68 -6.78 5.19
N GLY A 89 -7.96 -7.04 6.47
CA GLY A 89 -9.28 -7.41 6.98
C GLY A 89 -9.82 -8.77 6.51
N GLY A 90 -8.96 -9.59 5.90
CA GLY A 90 -9.34 -10.85 5.29
C GLY A 90 -8.54 -12.09 5.69
N LEU A 91 -7.40 -11.89 6.36
CA LEU A 91 -6.55 -13.02 6.70
C LEU A 91 -6.04 -12.85 8.12
N THR A 92 -6.18 -13.90 8.94
CA THR A 92 -5.59 -13.93 10.26
C THR A 92 -4.43 -14.90 10.16
N TYR A 93 -3.30 -14.53 10.74
CA TYR A 93 -2.13 -15.37 10.63
C TYR A 93 -1.24 -15.25 11.85
N ASN A 94 -0.53 -16.33 12.13
CA ASN A 94 0.63 -16.35 13.01
C ASN A 94 1.86 -16.18 12.14
N TYR A 95 2.93 -15.62 12.71
CA TYR A 95 4.16 -15.42 11.94
C TYR A 95 5.39 -15.55 12.81
N ASN A 96 6.49 -15.99 12.21
CA ASN A 96 7.86 -15.80 12.72
C ASN A 96 8.51 -14.52 12.16
N THR A 97 9.28 -13.82 12.99
CA THR A 97 10.10 -12.70 12.55
C THR A 97 11.53 -13.18 12.44
N TYR A 98 12.19 -12.76 11.37
CA TYR A 98 13.61 -12.99 11.10
C TYR A 98 14.29 -11.67 10.80
N SER A 99 15.60 -11.70 10.89
CA SER A 99 16.40 -10.58 10.47
C SER A 99 17.14 -11.02 9.23
N THR A 100 16.77 -10.46 8.07
CA THR A 100 17.47 -10.81 6.84
C THR A 100 17.53 -9.63 5.88
N THR A 101 18.33 -9.77 4.82
CA THR A 101 18.52 -8.74 3.83
C THR A 101 17.45 -8.86 2.73
N VAL A 102 17.10 -7.72 2.13
CA VAL A 102 16.14 -7.70 1.04
C VAL A 102 16.84 -7.00 -0.10
N ASP A 103 16.81 -7.59 -1.29
CA ASP A 103 17.51 -7.04 -2.46
C ASP A 103 16.49 -6.80 -3.56
N PHE A 104 16.49 -5.62 -4.18
CA PHE A 104 15.57 -5.32 -5.26
C PHE A 104 16.24 -5.48 -6.62
N GLY A 105 17.47 -5.98 -6.63
CA GLY A 105 18.23 -6.22 -7.85
C GLY A 105 19.21 -5.09 -8.06
N ASN A 106 20.10 -5.26 -9.05
CA ASN A 106 21.17 -4.27 -9.31
C ASN A 106 21.94 -3.87 -8.04
N GLY A 107 22.30 -4.90 -7.27
CA GLY A 107 22.71 -4.76 -5.86
C GLY A 107 22.10 -3.66 -5.00
N LEU A 108 20.79 -3.34 -5.20
CA LEU A 108 20.05 -2.44 -4.28
C LEU A 108 19.54 -3.21 -3.03
N LEU A 109 20.43 -3.25 -2.03
CA LEU A 109 20.39 -4.20 -0.95
C LEU A 109 20.19 -3.51 0.40
N THR A 110 19.28 -4.03 1.22
CA THR A 110 19.09 -3.48 2.54
C THR A 110 20.10 -4.07 3.48
N LEU A 111 20.32 -3.31 4.55
CA LEU A 111 20.85 -3.85 5.79
C LEU A 111 19.90 -4.96 6.27
N PRO A 112 20.40 -5.91 7.07
CA PRO A 112 19.44 -6.87 7.64
C PRO A 112 18.32 -6.12 8.39
N THR A 113 17.12 -6.66 8.35
CA THR A 113 15.95 -5.93 8.78
C THR A 113 14.90 -6.98 9.05
N SER A 114 13.85 -6.60 9.77
CA SER A 114 12.83 -7.53 10.18
C SER A 114 11.91 -7.92 9.04
N VAL A 115 11.79 -9.23 8.84
CA VAL A 115 10.89 -9.80 7.83
C VAL A 115 10.07 -10.84 8.54
N ASN A 116 8.76 -10.82 8.33
CA ASN A 116 7.88 -11.83 8.90
C ASN A 116 7.53 -12.92 7.89
N VAL A 117 7.41 -14.15 8.39
CA VAL A 117 6.92 -15.25 7.58
C VAL A 117 5.73 -15.89 8.28
N VAL A 118 4.65 -16.06 7.54
CA VAL A 118 3.43 -16.70 8.04
C VAL A 118 3.76 -18.15 8.45
N THR A 119 3.36 -18.54 9.65
CA THR A 119 3.49 -19.96 10.07
C THR A 119 2.15 -20.70 9.96
N SER A 120 1.02 -19.99 10.11
CA SER A 120 -0.28 -20.55 9.77
C SER A 120 -1.26 -19.40 9.60
N SER A 121 -2.33 -19.63 8.85
CA SER A 121 -3.26 -18.57 8.56
C SER A 121 -4.65 -19.13 8.28
N SER A 122 -5.67 -18.29 8.43
CA SER A 122 -7.02 -18.64 7.94
C SER A 122 -7.78 -17.39 7.52
N PRO A 123 -8.73 -17.52 6.56
CA PRO A 123 -8.96 -18.72 5.73
C PRO A 123 -7.93 -18.84 4.62
N GLY A 124 -7.33 -20.02 4.52
CA GLY A 124 -6.33 -20.29 3.50
C GLY A 124 -4.99 -19.64 3.78
N THR A 125 -4.11 -19.66 2.78
CA THR A 125 -2.73 -19.18 2.96
C THR A 125 -2.64 -17.73 2.49
N LEU A 126 -1.51 -17.08 2.78
CA LEU A 126 -1.33 -15.72 2.26
C LEU A 126 -1.19 -15.71 0.73
N GLY A 127 -0.50 -16.70 0.16
CA GLY A 127 -0.40 -16.77 -1.30
C GLY A 127 -1.76 -16.85 -1.97
N ASN A 128 -2.64 -17.65 -1.37
CA ASN A 128 -4.00 -17.76 -1.91
C ASN A 128 -4.76 -16.44 -1.80
N PHE A 129 -4.59 -15.75 -0.66
CA PHE A 129 -5.24 -14.46 -0.47
C PHE A 129 -4.74 -13.43 -1.46
N LEU A 130 -3.49 -13.55 -1.91
CA LEU A 130 -2.91 -12.62 -2.87
C LEU A 130 -3.05 -13.11 -4.32
N SER A 131 -4.00 -13.99 -4.59
CA SER A 131 -4.06 -14.67 -5.90
C SER A 131 -4.34 -13.72 -7.05
N ARG A 132 -4.93 -12.54 -6.78
CA ARG A 132 -5.14 -11.56 -7.83
C ARG A 132 -3.84 -11.05 -8.44
N SER A 133 -2.78 -10.93 -7.62
CA SER A 133 -1.46 -10.46 -8.10
C SER A 133 -0.51 -11.60 -8.43
N GLY A 134 -0.73 -12.76 -7.81
CA GLY A 134 0.24 -13.86 -7.86
C GLY A 134 1.43 -13.61 -6.93
N ALA A 135 1.37 -12.59 -6.08
CA ALA A 135 2.48 -12.27 -5.20
C ALA A 135 2.52 -13.34 -4.09
N VAL A 136 3.70 -13.50 -3.50
CA VAL A 136 3.85 -14.44 -2.36
C VAL A 136 4.33 -13.77 -1.09
N GLY A 137 4.15 -12.45 -1.05
CA GLY A 137 4.43 -11.67 0.16
C GLY A 137 3.85 -10.29 -0.04
N VAL A 138 3.73 -9.55 1.05
CA VAL A 138 3.19 -8.22 1.05
C VAL A 138 4.32 -7.29 1.46
N LEU A 139 4.66 -6.37 0.58
CA LEU A 139 5.67 -5.38 0.88
C LEU A 139 4.89 -4.15 1.32
N GLY A 140 4.68 -4.07 2.63
CA GLY A 140 3.91 -2.94 3.23
C GLY A 140 4.85 -1.77 3.33
N ILE A 141 4.64 -0.75 2.50
CA ILE A 141 5.56 0.38 2.43
C ILE A 141 4.93 1.69 2.96
N GLY A 142 3.81 1.57 3.66
CA GLY A 142 3.16 2.70 4.31
C GLY A 142 4.09 3.39 5.29
N PRO A 143 4.13 4.73 5.28
CA PRO A 143 4.83 5.35 6.43
C PRO A 143 4.14 5.01 7.75
N ASN A 144 4.90 5.05 8.85
CA ASN A 144 4.41 4.65 10.17
C ASN A 144 5.07 5.49 11.30
N ASN A 145 5.01 6.81 11.17
CA ASN A 145 5.57 7.74 12.17
C ASN A 145 5.12 7.42 13.59
N GLY A 146 6.05 7.53 14.53
CA GLY A 146 5.77 7.35 15.96
C GLY A 146 5.53 5.91 16.41
N PHE A 147 5.78 4.95 15.52
CA PHE A 147 5.73 3.54 15.86
C PHE A 147 7.06 2.88 15.47
N PRO A 148 8.11 3.23 16.19
CA PRO A 148 9.49 2.84 15.90
C PRO A 148 9.68 1.34 15.73
N GLY A 149 8.80 0.54 16.31
CA GLY A 149 8.81 -0.89 16.12
C GLY A 149 8.60 -1.42 14.71
N THR A 150 7.87 -0.66 13.89
CA THR A 150 7.42 -1.11 12.55
C THR A 150 7.63 -0.07 11.45
N SER A 151 8.50 -0.39 10.49
CA SER A 151 8.92 0.55 9.45
C SER A 151 9.02 -0.17 8.13
N SER A 152 8.63 0.52 7.08
CA SER A 152 8.88 0.02 5.73
C SER A 152 10.34 -0.38 5.60
N ILE A 153 10.53 -1.48 4.87
CA ILE A 153 11.84 -1.99 4.51
C ILE A 153 12.67 -0.99 3.69
N VAL A 154 12.01 -0.04 3.04
CA VAL A 154 12.71 1.05 2.36
C VAL A 154 13.62 1.87 3.30
N THR A 155 13.20 2.01 4.57
CA THR A 155 13.99 2.75 5.58
C THR A 155 15.35 2.09 5.88
N ALA A 156 15.47 0.83 5.49
CA ALA A 156 16.74 0.09 5.68
C ALA A 156 17.68 0.08 4.46
N MSE A 157 17.31 0.83 3.43
CA MSE A 157 18.16 1.03 2.27
C MSE A 157 19.30 2.00 2.60
O MSE A 157 19.16 2.80 3.53
CB MSE A 157 17.35 1.54 1.07
CG MSE A 157 16.27 0.58 0.63
SE MSE A 157 17.01 -0.93 -0.41
CE MSE A 157 16.91 0.01 -2.16
N PRO A 158 20.43 1.92 1.86
CA PRO A 158 21.59 2.79 2.17
C PRO A 158 21.50 4.21 1.66
N GLY A 159 22.03 5.13 2.47
CA GLY A 159 22.12 6.56 2.12
C GLY A 159 20.74 7.07 1.77
N LEU A 160 20.67 7.92 0.76
CA LEU A 160 19.43 8.67 0.49
C LEU A 160 18.30 7.80 -0.10
N LEU A 161 18.65 6.54 -0.44
CA LEU A 161 17.68 5.56 -0.99
C LEU A 161 16.55 5.31 0.01
N ASN A 162 16.86 5.48 1.31
CA ASN A 162 15.88 5.28 2.37
C ASN A 162 14.87 6.39 2.55
N ASN A 163 14.99 7.53 1.82
CA ASN A 163 14.14 8.69 2.09
C ASN A 163 12.67 8.47 1.74
N GLY A 164 12.41 7.55 0.80
CA GLY A 164 11.08 7.43 0.25
C GLY A 164 11.11 6.64 -1.05
N VAL A 165 9.92 6.46 -1.63
CA VAL A 165 9.78 5.73 -2.92
C VAL A 165 8.70 6.39 -3.73
N LEU A 166 9.00 6.57 -5.00
CA LEU A 166 8.02 7.10 -5.95
C LEU A 166 7.41 5.88 -6.60
N ILE A 167 6.09 5.78 -6.55
CA ILE A 167 5.37 4.67 -7.18
C ILE A 167 4.71 5.23 -8.44
N ASP A 168 5.03 4.63 -9.58
CA ASP A 168 4.47 5.09 -10.84
C ASP A 168 3.97 3.90 -11.64
N GLU A 169 2.74 3.47 -11.30
CA GLU A 169 2.11 2.31 -11.90
C GLU A 169 1.97 2.37 -13.44
N SER A 170 1.52 3.51 -13.98
CA SER A 170 1.35 3.60 -15.42
C SER A 170 2.70 3.65 -16.18
N ALA A 171 3.76 4.10 -15.51
CA ALA A 171 5.09 4.03 -16.14
C ALA A 171 5.74 2.69 -15.91
N GLY A 172 5.21 1.89 -14.98
CA GLY A 172 5.85 0.59 -14.65
C GLY A 172 7.13 0.73 -13.86
N ILE A 173 7.18 1.69 -12.95
CA ILE A 173 8.40 1.89 -12.21
C ILE A 173 8.23 2.23 -10.72
N LEU A 174 9.22 1.82 -9.94
CA LEU A 174 9.35 2.22 -8.55
C LEU A 174 10.71 2.90 -8.45
N GLN A 175 10.79 4.10 -7.87
CA GLN A 175 12.07 4.77 -7.72
C GLN A 175 12.34 5.09 -6.26
N PHE A 176 13.43 4.55 -5.73
CA PHE A 176 13.84 4.81 -4.35
C PHE A 176 14.57 6.14 -4.25
N GLY A 177 14.49 6.79 -3.09
CA GLY A 177 15.27 8.01 -2.90
C GLY A 177 14.37 9.23 -2.79
N PRO A 178 14.96 10.44 -2.61
CA PRO A 178 14.21 11.69 -2.57
C PRO A 178 13.40 11.82 -3.84
N ASN A 179 12.24 12.48 -3.73
CA ASN A 179 11.37 12.65 -4.88
C ASN A 179 12.07 13.52 -5.91
N THR A 180 11.98 13.13 -7.17
CA THR A 180 12.60 13.87 -8.25
C THR A 180 11.54 14.56 -9.10
N LEU A 181 10.28 14.41 -8.72
CA LEU A 181 9.21 15.12 -9.40
C LEU A 181 8.62 16.20 -8.52
N THR A 182 8.09 17.24 -9.16
CA THR A 182 7.45 18.36 -8.43
C THR A 182 5.95 18.26 -8.40
N GLY A 183 5.38 18.86 -7.37
CA GLY A 183 3.98 18.69 -7.02
C GLY A 183 3.71 17.20 -6.86
N GLY A 184 2.68 16.74 -7.59
CA GLY A 184 2.16 15.39 -7.43
C GLY A 184 1.67 15.13 -6.02
N ILE A 185 1.19 13.91 -5.80
CA ILE A 185 0.74 13.47 -4.50
C ILE A 185 1.92 12.91 -3.70
N THR A 186 2.02 13.34 -2.44
CA THR A 186 2.98 12.76 -1.52
C THR A 186 2.26 12.20 -0.31
N ILE A 187 2.52 10.93 -0.01
CA ILE A 187 2.00 10.28 1.19
C ILE A 187 3.08 10.40 2.30
N SER A 188 2.71 10.93 3.47
CA SER A 188 3.68 10.99 4.60
C SER A 188 3.01 10.81 5.95
N GLY A 189 3.78 10.35 6.95
CA GLY A 189 3.27 10.23 8.33
C GLY A 189 2.58 8.89 8.55
N ALA A 190 1.51 8.61 7.76
CA ALA A 190 0.69 7.40 7.85
C ALA A 190 -0.03 7.25 6.55
N PRO A 191 -0.55 6.02 6.21
CA PRO A 191 -1.33 5.85 4.97
C PRO A 191 -2.72 6.49 4.96
N ILE A 192 -3.21 6.90 6.13
CA ILE A 192 -4.48 7.63 6.22
C ILE A 192 -4.18 9.13 6.45
N SER A 193 -4.89 10.01 5.76
CA SER A 193 -4.80 11.45 6.03
C SER A 193 -6.15 12.07 5.82
N THR A 194 -6.32 13.27 6.34
CA THR A 194 -7.54 14.02 6.11
C THR A 194 -7.48 14.75 4.78
N VAL A 195 -8.50 14.53 3.96
CA VAL A 195 -8.60 15.22 2.67
C VAL A 195 -10.00 15.71 2.57
N ALA A 196 -10.36 16.27 1.41
CA ALA A 196 -11.73 16.67 1.19
C ALA A 196 -12.27 15.87 0.01
N VAL A 197 -13.47 15.32 0.21
CA VAL A 197 -14.05 14.42 -0.79
C VAL A 197 -15.35 15.01 -1.31
N GLN A 198 -15.49 14.95 -2.63
CA GLN A 198 -16.72 15.42 -3.27
C GLN A 198 -17.32 14.39 -4.23
N ILE A 199 -18.60 14.09 -4.05
CA ILE A 199 -19.34 13.14 -4.88
C ILE A 199 -20.19 13.96 -5.83
N ASP A 200 -19.97 13.76 -7.12
CA ASP A 200 -20.60 14.55 -8.18
C ASP A 200 -20.36 16.05 -7.99
N ASN A 201 -21.39 16.86 -7.90
CA ASN A 201 -21.13 18.30 -7.68
C ASN A 201 -21.56 18.71 -6.28
N GLY A 202 -21.67 17.71 -5.39
CA GLY A 202 -21.99 17.92 -3.97
C GLY A 202 -20.96 18.74 -3.21
N PRO A 203 -21.20 18.95 -1.90
CA PRO A 203 -20.25 19.70 -1.09
C PRO A 203 -18.93 18.94 -0.91
N LEU A 204 -17.82 19.66 -0.76
CA LEU A 204 -16.59 19.05 -0.31
C LEU A 204 -16.71 18.68 1.17
N GLN A 205 -16.51 17.41 1.49
CA GLN A 205 -16.56 16.94 2.89
C GLN A 205 -15.17 16.50 3.37
N GLN A 206 -14.81 16.96 4.56
CA GLN A 206 -13.57 16.53 5.19
C GLN A 206 -13.74 15.08 5.54
N ALA A 207 -12.72 14.29 5.26
CA ALA A 207 -12.79 12.86 5.51
C ALA A 207 -11.38 12.27 5.60
N PRO A 208 -11.22 11.27 6.49
CA PRO A 208 -9.99 10.48 6.52
C PRO A 208 -10.03 9.57 5.29
N VAL A 209 -8.92 9.47 4.58
CA VAL A 209 -8.89 8.54 3.43
C VAL A 209 -7.60 7.79 3.46
N MSE A 210 -7.63 6.51 3.12
CA MSE A 210 -6.40 5.76 2.99
C MSE A 210 -6.04 5.54 1.52
O MSE A 210 -6.84 4.97 0.79
CB MSE A 210 -6.53 4.38 3.65
CG MSE A 210 -5.12 3.59 3.66
SE MSE A 210 -5.52 1.86 4.32
CE MSE A 210 -6.25 2.35 6.03
N PHE A 211 -4.86 6.00 1.12
CA PHE A 211 -4.33 5.81 -0.21
C PHE A 211 -3.66 4.45 -0.19
N ASP A 212 -4.40 3.45 -0.66
CA ASP A 212 -4.02 2.06 -0.49
C ASP A 212 -3.81 1.41 -1.86
N SER A 213 -2.54 1.25 -2.26
CA SER A 213 -2.21 0.65 -3.55
C SER A 213 -2.64 -0.82 -3.70
N GLY A 214 -2.88 -1.51 -2.56
CA GLY A 214 -3.43 -2.90 -2.61
C GLY A 214 -4.93 -2.97 -2.50
N GLY A 215 -5.59 -1.81 -2.46
CA GLY A 215 -7.06 -1.78 -2.16
C GLY A 215 -8.01 -2.07 -3.33
N ILE A 216 -7.45 -2.51 -4.46
CA ILE A 216 -8.26 -2.93 -5.64
C ILE A 216 -9.07 -1.74 -6.16
N ASN A 217 -10.41 -1.81 -6.14
CA ASN A 217 -11.24 -0.69 -6.64
C ASN A 217 -11.80 0.14 -5.50
N GLY A 218 -11.36 -0.15 -4.28
CA GLY A 218 -11.54 0.80 -3.17
C GLY A 218 -12.88 0.63 -2.46
N THR A 219 -13.10 1.42 -1.42
CA THR A 219 -14.36 1.40 -0.64
C THR A 219 -14.68 2.84 -0.23
N ILE A 220 -15.93 3.12 0.05
CA ILE A 220 -16.28 4.42 0.57
C ILE A 220 -17.39 4.22 1.59
N PRO A 221 -17.33 4.96 2.73
CA PRO A 221 -18.35 4.66 3.74
C PRO A 221 -19.71 5.24 3.33
N SER A 222 -20.74 4.58 3.82
CA SER A 222 -22.13 4.95 3.60
C SER A 222 -22.41 6.42 3.91
N ALA A 223 -21.91 6.93 5.05
CA ALA A 223 -22.24 8.31 5.45
C ALA A 223 -21.61 9.31 4.51
N LEU A 224 -20.36 9.04 4.14
CA LEU A 224 -19.71 9.94 3.22
C LEU A 224 -20.37 9.92 1.83
N ALA A 225 -20.74 8.74 1.35
CA ALA A 225 -21.25 8.61 -0.01
C ALA A 225 -22.77 8.92 -0.15
N SER A 226 -23.49 9.01 0.99
CA SER A 226 -24.97 9.06 1.03
C SER A 226 -25.60 7.91 0.26
N LEU A 227 -25.07 6.70 0.49
CA LEU A 227 -25.54 5.49 -0.16
C LEU A 227 -25.66 4.41 0.88
N PRO A 228 -26.62 3.49 0.70
CA PRO A 228 -26.68 2.36 1.60
C PRO A 228 -25.40 1.53 1.51
N SER A 229 -24.98 0.93 2.62
CA SER A 229 -23.81 0.06 2.60
C SER A 229 -24.19 -1.28 2.05
N GLY A 230 -23.20 -2.06 1.62
CA GLY A 230 -23.39 -3.42 1.18
C GLY A 230 -23.48 -3.63 -0.32
N GLY A 231 -23.37 -2.57 -1.12
CA GLY A 231 -23.26 -2.70 -2.57
C GLY A 231 -22.22 -1.73 -3.11
N PHE A 232 -22.12 -1.67 -4.44
CA PHE A 232 -21.14 -0.79 -5.09
C PHE A 232 -21.78 0.52 -5.38
N VAL A 233 -20.93 1.55 -5.47
CA VAL A 233 -21.33 2.86 -5.99
C VAL A 233 -21.83 2.70 -7.45
N PRO A 234 -23.00 3.30 -7.77
CA PRO A 234 -23.53 3.20 -9.15
C PRO A 234 -22.51 3.71 -10.15
N ALA A 235 -22.44 3.09 -11.32
CA ALA A 235 -21.60 3.61 -12.41
C ALA A 235 -22.02 5.01 -12.82
N GLY A 236 -21.10 5.80 -13.36
CA GLY A 236 -21.37 7.19 -13.75
C GLY A 236 -21.30 8.17 -12.60
N THR A 237 -20.80 7.72 -11.44
CA THR A 237 -20.64 8.63 -10.29
C THR A 237 -19.25 9.27 -10.30
N THR A 238 -19.20 10.60 -10.28
CA THR A 238 -17.91 11.23 -10.20
C THR A 238 -17.44 11.36 -8.74
N ILE A 239 -16.20 10.91 -8.50
CA ILE A 239 -15.54 11.07 -7.18
C ILE A 239 -14.30 11.93 -7.32
N SER A 240 -14.23 13.00 -6.52
CA SER A 240 -13.10 13.89 -6.58
C SER A 240 -12.51 14.06 -5.17
N VAL A 241 -11.19 13.98 -5.09
CA VAL A 241 -10.50 14.03 -3.81
C VAL A 241 -9.51 15.20 -3.88
N TYR A 242 -9.62 16.11 -2.93
CA TYR A 242 -8.81 17.33 -2.88
C TYR A 242 -8.02 17.34 -1.59
N THR A 243 -6.96 18.13 -1.52
CA THR A 243 -6.32 18.41 -0.23
C THR A 243 -7.35 18.86 0.80
N SER A 244 -7.04 18.77 2.08
CA SER A 244 -8.01 19.10 3.14
CA SER A 244 -7.99 19.10 3.13
C SER A 244 -8.56 20.53 3.05
N ASP A 245 -7.76 21.47 2.59
CA ASP A 245 -8.24 22.85 2.47
C ASP A 245 -9.21 23.03 1.27
N GLY A 246 -9.36 21.98 0.44
CA GLY A 246 -10.22 22.01 -0.73
C GLY A 246 -9.69 22.80 -1.92
N GLN A 247 -8.41 23.14 -1.89
CA GLN A 247 -7.89 24.03 -2.91
C GLN A 247 -7.17 23.34 -4.08
N THR A 248 -6.71 22.11 -3.86
CA THR A 248 -5.91 21.43 -4.86
C THR A 248 -6.51 20.03 -5.04
N LEU A 249 -6.89 19.72 -6.28
CA LEU A 249 -7.38 18.40 -6.65
C LEU A 249 -6.24 17.37 -6.59
N LEU A 250 -6.46 16.26 -5.88
CA LEU A 250 -5.48 15.18 -5.84
C LEU A 250 -5.79 14.27 -7.00
N TYR A 251 -7.03 13.78 -7.10
CA TYR A 251 -7.45 13.02 -8.29
C TYR A 251 -8.98 13.01 -8.39
N SER A 252 -9.47 12.72 -9.58
CA SER A 252 -10.89 12.60 -9.82
C SER A 252 -11.08 11.51 -10.85
N TYR A 253 -12.20 10.80 -10.77
CA TYR A 253 -12.60 9.86 -11.82
C TYR A 253 -14.08 9.63 -11.77
N THR A 254 -14.58 8.96 -12.81
CA THR A 254 -15.99 8.58 -12.85
C THR A 254 -16.07 7.09 -12.74
N THR A 255 -16.87 6.59 -11.80
CA THR A 255 -17.00 5.13 -11.65
C THR A 255 -17.59 4.43 -12.86
N THR A 256 -17.24 3.16 -13.04
CA THR A 256 -17.83 2.38 -14.13
C THR A 256 -18.40 1.07 -13.54
N ALA A 257 -19.05 0.26 -14.36
CA ALA A 257 -19.57 -1.00 -13.91
C ALA A 257 -18.46 -1.95 -13.42
N THR A 258 -17.22 -1.75 -13.88
CA THR A 258 -16.09 -2.62 -13.45
C THR A 258 -15.04 -1.88 -12.61
N ASN A 259 -15.30 -0.62 -12.30
CA ASN A 259 -14.35 0.18 -11.52
C ASN A 259 -15.14 1.14 -10.62
N THR A 260 -15.47 0.65 -9.43
CA THR A 260 -16.35 1.32 -8.52
C THR A 260 -16.12 0.80 -7.09
N PRO A 261 -16.13 1.71 -6.14
CA PRO A 261 -15.91 1.33 -4.76
C PRO A 261 -17.09 0.62 -4.16
N PHE A 262 -16.79 -0.24 -3.20
CA PHE A 262 -17.81 -0.89 -2.42
C PHE A 262 -18.22 0.01 -1.24
N VAL A 263 -19.51 0.10 -0.92
CA VAL A 263 -19.95 1.03 0.14
C VAL A 263 -19.98 0.30 1.46
N THR A 264 -19.20 0.78 2.44
CA THR A 264 -19.06 0.11 3.73
C THR A 264 -19.98 0.77 4.76
N SER A 265 -20.34 0.08 5.83
CA SER A 265 -20.97 0.83 6.96
C SER A 265 -19.85 1.31 7.84
N GLY A 266 -19.63 2.60 7.90
CA GLY A 266 -18.47 3.11 8.65
C GLY A 266 -17.09 2.86 8.05
N GLY A 267 -16.06 2.98 8.90
CA GLY A 267 -14.68 2.84 8.47
C GLY A 267 -14.32 4.06 7.65
N VAL A 268 -13.24 3.97 6.89
CA VAL A 268 -12.74 5.11 6.17
C VAL A 268 -12.70 4.78 4.73
N MSE A 269 -12.74 5.80 3.89
CA MSE A 269 -12.61 5.60 2.46
C MSE A 269 -11.25 5.02 2.11
O MSE A 269 -10.21 5.49 2.63
CB MSE A 269 -12.78 6.96 1.76
CG MSE A 269 -12.59 6.87 0.25
SE MSE A 269 -13.08 8.57 -0.55
CE MSE A 269 -12.30 8.17 -2.32
N ASN A 270 -11.26 4.07 1.19
CA ASN A 270 -10.03 3.45 0.67
C ASN A 270 -9.97 3.75 -0.83
N THR A 271 -8.94 4.45 -1.27
CA THR A 271 -8.84 4.85 -2.70
C THR A 271 -8.76 3.66 -3.67
N GLY A 272 -8.25 2.50 -3.20
CA GLY A 272 -7.85 1.46 -4.11
C GLY A 272 -6.82 2.01 -5.13
N HIS A 273 -6.76 1.34 -6.29
CA HIS A 273 -5.68 1.61 -7.29
C HIS A 273 -5.85 2.94 -8.03
N VAL A 274 -7.04 3.50 -8.05
CA VAL A 274 -7.31 4.62 -8.96
C VAL A 274 -6.25 5.76 -8.99
N PRO A 275 -5.93 6.39 -7.83
CA PRO A 275 -4.97 7.50 -7.89
C PRO A 275 -3.58 7.04 -8.34
N PHE A 276 -3.18 5.85 -7.96
CA PHE A 276 -1.89 5.27 -8.39
C PHE A 276 -1.87 5.05 -9.94
N ALA A 277 -3.00 4.62 -10.50
CA ALA A 277 -3.08 4.33 -11.95
C ALA A 277 -2.96 5.67 -12.67
N GLN A 278 -3.52 6.71 -12.07
CA GLN A 278 -3.51 8.03 -12.65
C GLN A 278 -2.21 8.82 -12.56
N GLN A 279 -1.46 8.64 -11.47
CA GLN A 279 -0.40 9.58 -11.15
C GLN A 279 0.75 8.86 -10.48
N PRO A 280 1.95 9.43 -10.62
CA PRO A 280 3.04 8.99 -9.76
C PRO A 280 2.73 9.49 -8.37
N ILE A 281 2.97 8.66 -7.37
CA ILE A 281 2.68 9.01 -5.98
C ILE A 281 3.93 8.71 -5.17
N TYR A 282 4.36 9.71 -4.42
CA TYR A 282 5.57 9.57 -3.64
C TYR A 282 5.22 9.23 -2.21
N VAL A 283 5.90 8.23 -1.66
CA VAL A 283 5.74 7.92 -0.24
C VAL A 283 6.99 8.43 0.47
N SER A 284 6.83 9.40 1.36
CA SER A 284 7.98 9.96 2.08
C SER A 284 8.12 9.30 3.47
N TYR A 285 9.36 9.00 3.87
CA TYR A 285 9.62 8.53 5.25
C TYR A 285 10.18 9.62 6.19
N SER A 286 10.02 10.89 5.84
CA SER A 286 10.47 11.98 6.72
C SER A 286 9.65 11.96 8.01
N PRO A 287 10.25 12.35 9.15
CA PRO A 287 9.39 12.43 10.35
C PRO A 287 8.30 13.47 10.16
N THR A 288 7.07 13.13 10.58
CA THR A 288 5.90 14.02 10.39
C THR A 288 4.69 13.42 11.11
N ILE A 290 -0.44 11.93 9.54
CA ILE A 290 -0.77 11.45 8.17
C ILE A 290 -1.06 12.63 7.27
N GLY A 291 -0.27 12.82 6.21
CA GLY A 291 -0.54 13.89 5.27
C GLY A 291 -0.51 13.43 3.82
N THR A 292 -1.28 14.13 2.98
CA THR A 292 -1.22 13.99 1.51
C THR A 292 -1.33 15.38 0.90
N THR A 293 -0.30 15.74 0.16
CA THR A 293 -0.25 17.08 -0.48
C THR A 293 -0.14 16.88 -1.99
N THR A 294 -0.51 17.94 -2.72
CA THR A 294 -0.51 17.96 -4.18
C THR A 294 0.31 19.14 -4.72
ZN ZN B . -3.60 -2.33 1.29
C1 EDO C . 8.69 5.10 9.67
O1 EDO C . 7.51 4.28 9.62
C2 EDO C . 8.82 5.94 8.41
O2 EDO C . 7.55 6.51 8.04
C1 EDO D . 18.39 -18.90 1.71
O1 EDO D . 17.70 -20.13 1.45
C2 EDO D . 18.21 -17.96 0.53
O2 EDO D . 18.70 -18.63 -0.64
C1 EDO E . -2.37 -23.23 6.73
O1 EDO E . -2.15 -22.51 7.94
C2 EDO E . -3.83 -23.02 6.38
O2 EDO E . -3.93 -22.08 5.30
C1 EDO F . -4.74 14.01 8.96
O1 EDO F . -4.22 14.37 7.73
C2 EDO F . -4.87 12.52 9.18
O2 EDO F . -4.22 12.08 10.31
C1 EDO G . 7.64 -6.04 10.24
O1 EDO G . 8.75 -5.38 10.83
C2 EDO G . 8.17 -6.97 9.15
O2 EDO G . 8.85 -6.20 8.15
C1 EDO H . -12.67 -1.37 10.60
O1 EDO H . -11.79 -2.34 10.06
C2 EDO H . -12.80 -0.30 9.52
O2 EDO H . -12.51 0.94 10.13
C1 EDO I . 12.91 -20.76 7.87
O1 EDO I . 12.72 -20.95 9.29
C2 EDO I . 13.29 -19.31 7.57
O2 EDO I . 12.24 -18.53 7.00
C1 EDO J . 8.55 14.77 -0.43
O1 EDO J . 9.96 14.92 -0.20
C2 EDO J . 8.36 15.36 -1.82
O2 EDO J . 7.29 14.77 -2.54
C1 EDO K . 8.48 -1.08 -16.71
O1 EDO K . 9.74 -1.29 -16.10
C2 EDO K . 8.56 0.15 -17.55
O2 EDO K . 7.27 0.40 -18.08
C1 EDO L . -7.02 22.46 -8.34
O1 EDO L . -6.16 21.31 -8.40
C2 EDO L . -8.42 22.15 -8.86
O2 EDO L . -9.37 22.72 -7.95
C1 EDO M . 4.75 -13.63 -11.34
O1 EDO M . 6.09 -13.93 -10.87
C2 EDO M . 4.35 -12.19 -11.02
O2 EDO M . 3.08 -12.22 -10.32
C1 EDO N . -7.64 -9.32 -3.85
O1 EDO N . -6.57 -8.65 -4.51
C2 EDO N . -8.87 -9.41 -4.72
O2 EDO N . -9.83 -9.98 -3.83
C1 EDO O . -21.95 -4.05 5.06
O1 EDO O . -21.31 -4.10 3.79
C2 EDO O . -23.45 -4.12 4.81
O2 EDO O . -24.11 -2.95 5.28
C1 EDO P . -20.34 -8.62 -7.83
O1 EDO P . -19.38 -9.15 -6.91
C2 EDO P . -21.69 -8.51 -7.16
O2 EDO P . -22.17 -7.17 -7.26
C1 EDO Q . 2.09 -17.63 -7.09
O1 EDO Q . 2.40 -18.75 -6.32
C2 EDO Q . 3.45 -17.04 -7.41
O2 EDO Q . 3.20 -16.19 -8.51
C1 EDO R . 5.34 13.84 -6.73
O1 EDO R . 4.69 13.38 -5.54
C2 EDO R . 5.22 12.77 -7.79
O2 EDO R . 4.02 12.97 -8.55
C1 EDO S . 15.75 -6.83 13.31
O1 EDO S . 14.94 -6.13 12.40
C2 EDO S . 16.92 -7.32 12.51
O2 EDO S . 17.69 -6.25 12.03
C1 EDO T . -9.84 -9.43 10.58
O1 EDO T . -9.96 -10.69 9.90
C2 EDO T . -8.40 -9.24 11.01
O2 EDO T . -7.56 -9.58 9.89
C1 EDO U . -10.30 -1.87 -12.08
O1 EDO U . -10.20 -3.29 -11.98
C2 EDO U . -11.24 -1.54 -13.21
O2 EDO U . -10.47 -0.95 -14.26
C1 EDO V . 18.45 3.36 -11.24
O1 EDO V . 18.69 2.33 -12.16
C2 EDO V . 17.73 4.48 -11.95
O2 EDO V . 17.36 5.47 -11.04
C1 EDO W . 19.09 -1.92 -10.31
O1 EDO W . 17.82 -2.19 -10.90
C2 EDO W . 19.46 -0.48 -10.65
O2 EDO W . 18.41 0.42 -10.25
C1 EDO X . -22.00 -1.86 -10.66
O1 EDO X . -21.65 -2.51 -9.44
C2 EDO X . -21.90 -0.36 -10.45
O2 EDO X . -22.80 -0.05 -9.38
C1 EDO Y . -12.80 -6.01 2.93
O1 EDO Y . -12.47 -6.67 4.17
C2 EDO Y . -14.19 -5.39 2.97
O2 EDO Y . -14.10 -3.97 3.20
C1 EDO Z . -1.19 16.49 -8.47
O1 EDO Z . -2.27 15.56 -8.29
C2 EDO Z . -1.26 17.48 -7.33
O2 EDO Z . -0.76 18.75 -7.77
C1 EDO AA . -24.91 1.03 -2.11
O1 EDO AA . -24.25 -0.10 -1.55
C2 EDO AA . -25.08 0.87 -3.61
O2 EDO AA . -25.08 2.17 -4.17
C1 EDO BA . -5.00 -9.44 -1.25
O1 EDO BA . -4.44 -8.14 -1.31
C2 EDO BA . -6.49 -9.25 -1.01
O2 EDO BA . -7.12 -10.50 -1.28
C1 EDO CA . -9.24 -5.50 10.91
O1 EDO CA . -9.46 -4.50 11.92
C2 EDO CA . -9.41 -4.87 9.53
O2 EDO CA . -8.15 -4.58 8.91
C1 EDO DA . 4.04 -0.21 17.60
O1 EDO DA . 2.99 -0.48 16.66
C2 EDO DA . 5.39 -0.37 16.92
O2 EDO DA . 6.32 0.56 17.47
C1 EDO EA . -1.57 -13.91 -11.88
O1 EDO EA . -1.25 -15.10 -11.16
C2 EDO EA . -2.99 -13.55 -11.48
O2 EDO EA . -3.88 -13.81 -12.56
C1 EDO FA . -27.21 -1.54 -0.84
O1 EDO FA . -26.72 -2.47 0.12
C2 EDO FA . -26.84 -2.05 -2.24
O2 EDO FA . -27.30 -1.10 -3.19
C1 EDO GA . 14.60 -7.03 -11.39
O1 EDO GA . 15.08 -6.00 -10.51
C2 EDO GA . 13.19 -7.46 -11.00
O2 EDO GA . 12.20 -6.72 -11.71
#